data_3R7S
#
_entry.id   3R7S
#
_cell.length_a   74.164
_cell.length_b   82.808
_cell.length_c   112.002
_cell.angle_alpha   90.00
_cell.angle_beta   90.00
_cell.angle_gamma   90.00
#
_symmetry.space_group_name_H-M   'P 21 21 21'
#
loop_
_entity.id
_entity.type
_entity.pdbx_description
1 polymer 'Caspase-2 subunit p18'
2 polymer 'Caspase-2 subunit p12'
3 water water
#
loop_
_entity_poly.entity_id
_entity_poly.type
_entity_poly.pdbx_seq_one_letter_code
_entity_poly.pdbx_strand_id
1 'polypeptide(L)'
;MQVKPCTPEFYQTHFQLAYRLQSRPRGLALVLSNVHFTGEKELEFRSGGDVDHSTLVTLFKLLGYDVHVLCDQTAQEMQE
KLQNFAQLPAHRVTDSCIVALLSHGVEGAIYGVDGKLLQLQEVFQLFDNANCPSLQNKPKMFFIQACRGDETDRGVDQQD
;
A,C
2 'polypeptide(L)'
;GKEKLPKMRLPTRSDMICGYACLKGTAAMRNTKRGSWYIEALAQVFSERACDMHVADMLVKVNALIKDREGYAPGTEFHR
CKEMSEYCSTLCRHLYLFPGHPPTLEHHHHHH
;
B,D
#
# COMPACT_ATOMS: atom_id res chain seq x y z
N MET A 1 0.22 -28.45 5.95
CA MET A 1 0.78 -27.30 5.21
C MET A 1 2.26 -27.52 4.93
N GLN A 2 2.65 -27.32 3.70
CA GLN A 2 4.09 -27.25 3.49
C GLN A 2 4.40 -26.07 2.57
N VAL A 3 5.61 -25.53 2.76
CA VAL A 3 6.07 -24.57 1.78
C VAL A 3 7.18 -25.14 0.92
N LYS A 4 6.83 -25.20 -0.34
CA LYS A 4 7.70 -25.50 -1.45
C LYS A 4 8.94 -24.65 -1.39
N PRO A 5 10.14 -25.28 -1.40
CA PRO A 5 11.38 -24.48 -1.34
C PRO A 5 11.77 -23.86 -2.70
N CYS A 6 12.55 -22.77 -2.67
CA CYS A 6 13.01 -22.18 -3.95
C CYS A 6 14.31 -22.84 -4.44
N THR A 7 14.50 -22.88 -5.76
CA THR A 7 15.71 -23.45 -6.34
C THR A 7 16.93 -22.54 -6.10
N PRO A 8 18.11 -23.15 -5.90
CA PRO A 8 19.38 -22.40 -5.83
C PRO A 8 19.57 -21.51 -7.06
N GLU A 9 19.09 -21.97 -8.22
CA GLU A 9 19.18 -21.15 -9.41
C GLU A 9 18.35 -19.89 -9.20
N PHE A 10 17.09 -20.09 -8.78
CA PHE A 10 16.24 -18.97 -8.41
C PHE A 10 16.92 -18.00 -7.44
N TYR A 11 17.58 -18.51 -6.42
CA TYR A 11 18.23 -17.63 -5.48
C TYR A 11 19.38 -16.90 -6.12
N GLN A 12 20.14 -17.62 -6.94
CA GLN A 12 21.25 -16.96 -7.65
C GLN A 12 20.70 -15.88 -8.61
N THR A 13 19.59 -16.12 -9.28
CA THR A 13 19.19 -15.07 -10.20
C THR A 13 18.45 -13.87 -9.60
N HIS A 14 18.18 -13.87 -8.29
CA HIS A 14 17.40 -12.78 -7.69
C HIS A 14 17.95 -12.08 -6.49
N PHE A 15 18.94 -12.65 -5.82
CA PHE A 15 19.32 -12.05 -4.58
C PHE A 15 19.94 -10.66 -4.76
N GLN A 16 20.52 -10.36 -5.90
CA GLN A 16 21.27 -9.10 -5.94
C GLN A 16 20.29 -7.93 -5.90
N LEU A 17 19.10 -8.17 -6.43
CA LEU A 17 18.05 -7.17 -6.41
C LEU A 17 16.95 -7.38 -5.33
N ALA A 18 17.27 -7.94 -4.16
CA ALA A 18 16.26 -8.18 -3.12
C ALA A 18 16.86 -7.87 -1.81
N TYR A 19 16.02 -7.58 -0.83
CA TYR A 19 16.50 -7.50 0.52
C TYR A 19 17.29 -8.79 0.87
N ARG A 20 18.36 -8.63 1.62
CA ARG A 20 19.12 -9.77 2.07
C ARG A 20 18.20 -10.54 2.98
N LEU A 21 18.08 -11.84 2.74
CA LEU A 21 17.14 -12.62 3.49
C LEU A 21 17.71 -14.05 3.58
N GLN A 22 18.83 -14.20 4.27
CA GLN A 22 19.47 -15.52 4.32
C GLN A 22 19.76 -16.07 5.73
N SER A 23 19.63 -15.22 6.75
CA SER A 23 20.00 -15.59 8.09
C SER A 23 19.12 -16.74 8.49
N ARG A 24 19.42 -17.32 9.62
CA ARG A 24 18.68 -18.47 10.18
C ARG A 24 18.76 -18.17 11.66
N PRO A 25 17.60 -17.92 12.27
CA PRO A 25 16.29 -17.94 11.63
C PRO A 25 16.11 -16.68 10.74
N ARG A 26 15.14 -16.72 9.84
CA ARG A 26 15.02 -15.65 8.86
C ARG A 26 14.68 -14.32 9.57
N GLY A 27 14.09 -14.43 10.76
CA GLY A 27 13.79 -13.29 11.64
C GLY A 27 12.90 -13.83 12.77
N LEU A 28 12.59 -13.01 13.75
CA LEU A 28 11.53 -13.34 14.72
C LEU A 28 10.17 -13.04 14.11
N ALA A 29 9.10 -13.71 14.55
CA ALA A 29 7.76 -13.35 14.18
C ALA A 29 6.90 -13.30 15.45
N LEU A 30 5.97 -12.35 15.57
CA LEU A 30 5.05 -12.30 16.68
C LEU A 30 3.63 -12.53 16.14
N VAL A 31 2.94 -13.57 16.62
CA VAL A 31 1.51 -13.74 16.36
C VAL A 31 0.70 -13.49 17.61
N LEU A 32 -0.05 -12.40 17.56
CA LEU A 32 -0.80 -11.95 18.68
C LEU A 32 -2.29 -11.99 18.31
N SER A 33 -3.04 -12.89 18.96
CA SER A 33 -4.50 -13.06 18.74
C SER A 33 -5.32 -12.79 19.98
N ASN A 34 -6.32 -11.93 19.86
CA ASN A 34 -7.35 -11.66 20.83
C ASN A 34 -8.62 -12.30 20.37
N VAL A 35 -9.11 -13.24 21.16
CA VAL A 35 -10.23 -14.08 20.81
C VAL A 35 -11.38 -13.99 21.81
N HIS A 36 -11.02 -13.92 23.11
CA HIS A 36 -12.03 -13.92 24.22
C HIS A 36 -12.06 -12.51 24.77
N PHE A 37 -13.23 -11.88 24.83
CA PHE A 37 -13.28 -10.51 25.30
C PHE A 37 -13.97 -10.30 26.68
N THR A 38 -13.77 -9.15 27.24
CA THR A 38 -13.80 -8.94 28.66
C THR A 38 -15.13 -8.65 29.34
N GLY A 39 -16.24 -8.29 28.68
CA GLY A 39 -16.32 -7.40 27.57
C GLY A 39 -16.82 -6.05 28.11
N GLU A 40 -15.96 -5.42 28.93
CA GLU A 40 -15.94 -3.99 29.27
C GLU A 40 -16.16 -3.15 28.01
N LYS A 41 -16.57 -3.82 26.94
CA LYS A 41 -17.27 -3.13 25.87
C LYS A 41 -17.68 -4.19 24.88
N GLU A 42 -18.92 -4.14 24.39
CA GLU A 42 -19.32 -4.50 23.01
C GLU A 42 -18.90 -5.81 22.35
N LEU A 43 -17.64 -6.22 22.55
CA LEU A 43 -16.97 -7.07 21.56
C LEU A 43 -17.30 -8.56 21.68
N GLU A 44 -17.64 -9.16 20.54
CA GLU A 44 -18.08 -10.54 20.45
C GLU A 44 -16.86 -11.54 20.56
N PHE A 45 -17.13 -12.75 21.06
CA PHE A 45 -16.20 -13.89 21.04
C PHE A 45 -15.81 -14.15 19.60
N ARG A 46 -14.51 -14.21 19.29
CA ARG A 46 -14.09 -14.42 17.85
C ARG A 46 -13.95 -15.89 17.48
N SER A 47 -15.10 -16.52 17.31
CA SER A 47 -15.14 -17.93 16.95
C SER A 47 -14.38 -18.05 15.62
N GLY A 48 -13.57 -19.07 15.46
CA GLY A 48 -12.75 -19.12 14.25
C GLY A 48 -11.36 -18.51 14.44
N GLY A 49 -11.13 -17.80 15.55
CA GLY A 49 -9.91 -17.02 15.75
C GLY A 49 -8.75 -17.93 16.07
N ASP A 50 -9.07 -19.11 16.58
CA ASP A 50 -7.99 -20.07 16.87
C ASP A 50 -7.45 -20.73 15.57
N VAL A 51 -8.29 -21.01 14.58
CA VAL A 51 -7.78 -21.50 13.30
C VAL A 51 -6.79 -20.46 12.75
N ASP A 52 -7.17 -19.19 12.72
CA ASP A 52 -6.31 -18.17 12.08
C ASP A 52 -4.96 -18.20 12.76
N HIS A 53 -5.01 -18.17 14.08
CA HIS A 53 -3.85 -18.13 14.96
C HIS A 53 -2.92 -19.29 14.70
N SER A 54 -3.49 -20.49 14.63
CA SER A 54 -2.79 -21.73 14.37
C SER A 54 -2.17 -21.75 12.97
N THR A 55 -2.98 -21.37 11.99
CA THR A 55 -2.51 -21.30 10.62
C THR A 55 -1.26 -20.39 10.45
N LEU A 56 -1.29 -19.16 10.98
CA LEU A 56 -0.11 -18.26 10.98
C LEU A 56 1.19 -18.77 11.70
N VAL A 57 1.01 -19.26 12.93
CA VAL A 57 2.11 -19.94 13.66
C VAL A 57 2.76 -21.00 12.75
N THR A 58 1.93 -21.84 12.16
CA THR A 58 2.43 -22.91 11.33
C THR A 58 3.20 -22.31 10.11
N LEU A 59 2.52 -21.43 9.39
CA LEU A 59 3.13 -20.75 8.21
C LEU A 59 4.48 -20.11 8.57
N PHE A 60 4.53 -19.33 9.63
CA PHE A 60 5.71 -18.53 9.79
C PHE A 60 6.89 -19.45 10.21
N LYS A 61 6.58 -20.51 10.97
CA LYS A 61 7.55 -21.57 11.24
C LYS A 61 8.08 -22.22 9.98
N LEU A 62 7.18 -22.76 9.15
CA LEU A 62 7.62 -23.40 7.89
C LEU A 62 8.43 -22.42 7.03
N LEU A 63 8.23 -21.12 7.27
CA LEU A 63 8.94 -20.11 6.47
C LEU A 63 10.28 -19.76 7.10
N GLY A 64 10.59 -20.34 8.25
CA GLY A 64 11.91 -20.11 8.81
C GLY A 64 11.99 -19.08 9.92
N TYR A 65 10.84 -18.66 10.46
CA TYR A 65 10.89 -17.66 11.54
C TYR A 65 10.86 -18.31 12.94
N ASP A 66 11.53 -17.67 13.88
CA ASP A 66 11.41 -18.04 15.26
C ASP A 66 10.18 -17.25 15.72
N VAL A 67 9.12 -18.00 15.95
CA VAL A 67 7.79 -17.49 16.23
C VAL A 67 7.45 -17.24 17.67
N HIS A 68 7.13 -16.00 18.07
CA HIS A 68 6.64 -15.79 19.45
C HIS A 68 5.12 -15.70 19.34
N VAL A 69 4.41 -16.06 20.40
CA VAL A 69 2.96 -15.97 20.45
C VAL A 69 2.47 -15.22 21.68
N LEU A 70 1.28 -14.62 21.56
CA LEU A 70 0.57 -13.99 22.67
C LEU A 70 -0.88 -14.12 22.41
N CYS A 71 -1.70 -14.22 23.45
CA CYS A 71 -3.11 -14.38 23.26
C CYS A 71 -3.83 -13.56 24.28
N ASP A 72 -5.06 -13.17 23.95
CA ASP A 72 -5.88 -12.41 24.87
C ASP A 72 -5.17 -11.37 25.76
N GLN A 73 -4.66 -10.34 25.09
CA GLN A 73 -4.00 -9.22 25.75
C GLN A 73 -4.84 -7.93 25.74
N THR A 74 -4.73 -7.17 26.86
CA THR A 74 -5.34 -5.85 26.99
C THR A 74 -4.57 -4.83 26.02
N ALA A 75 -5.21 -3.72 25.69
CA ALA A 75 -4.52 -2.67 24.92
C ALA A 75 -3.16 -2.33 25.52
N GLN A 76 -3.09 -2.16 26.83
CA GLN A 76 -1.80 -1.82 27.41
C GLN A 76 -0.75 -2.95 27.37
N GLU A 77 -1.20 -4.19 27.48
CA GLU A 77 -0.23 -5.30 27.40
C GLU A 77 0.33 -5.43 25.95
N MET A 78 -0.55 -5.33 24.94
CA MET A 78 -0.10 -5.31 23.54
C MET A 78 1.02 -4.31 23.33
N GLN A 79 0.78 -3.07 23.75
CA GLN A 79 1.78 -2.01 23.67
C GLN A 79 3.11 -2.36 24.35
N GLU A 80 3.04 -2.94 25.55
CA GLU A 80 4.26 -3.15 26.33
C GLU A 80 4.97 -4.33 25.74
N LYS A 81 4.20 -5.32 25.33
CA LYS A 81 4.85 -6.53 24.89
C LYS A 81 5.34 -6.34 23.46
N LEU A 82 4.62 -5.54 22.69
CA LEU A 82 5.15 -5.21 21.36
C LEU A 82 6.45 -4.46 21.45
N GLN A 83 6.48 -3.46 22.32
CA GLN A 83 7.74 -2.79 22.56
C GLN A 83 8.87 -3.75 22.93
N ASN A 84 8.63 -4.68 23.88
CA ASN A 84 9.68 -5.64 24.31
C ASN A 84 10.09 -6.54 23.18
N PHE A 85 9.10 -6.99 22.40
CA PHE A 85 9.47 -7.75 21.24
C PHE A 85 10.37 -6.91 20.27
N ALA A 86 10.00 -5.64 19.99
CA ALA A 86 10.81 -4.81 19.05
C ALA A 86 12.25 -4.62 19.53
N GLN A 87 12.43 -4.57 20.85
CA GLN A 87 13.76 -4.37 21.46
C GLN A 87 14.64 -5.66 21.65
N LEU A 88 14.09 -6.83 21.33
CA LEU A 88 14.90 -8.03 21.43
C LEU A 88 16.21 -7.95 20.65
N PRO A 89 17.32 -8.30 21.31
CA PRO A 89 18.64 -8.28 20.65
C PRO A 89 18.76 -9.29 19.54
N ALA A 90 17.87 -10.29 19.45
CA ALA A 90 18.02 -11.22 18.35
C ALA A 90 17.91 -10.47 17.01
N HIS A 91 17.24 -9.32 17.00
CA HIS A 91 17.04 -8.56 15.70
C HIS A 91 18.33 -8.09 15.09
N ARG A 92 19.35 -7.89 15.92
CA ARG A 92 20.67 -7.50 15.40
C ARG A 92 21.22 -8.52 14.38
N VAL A 93 20.76 -9.76 14.45
CA VAL A 93 21.46 -10.86 13.79
C VAL A 93 20.53 -11.56 12.78
N THR A 94 19.33 -11.02 12.61
CA THR A 94 18.37 -11.61 11.67
C THR A 94 18.14 -10.63 10.53
N ASP A 95 17.56 -11.10 9.43
CA ASP A 95 17.45 -10.29 8.20
C ASP A 95 16.10 -9.58 7.98
N SER A 96 15.11 -9.86 8.85
CA SER A 96 13.75 -9.47 8.59
C SER A 96 12.92 -9.62 9.82
N CYS A 97 11.66 -9.21 9.75
CA CYS A 97 10.80 -9.36 10.89
C CYS A 97 9.37 -9.45 10.45
N ILE A 98 8.58 -10.14 11.24
CA ILE A 98 7.16 -10.31 10.92
C ILE A 98 6.32 -10.12 12.19
N VAL A 99 5.20 -9.39 12.08
CA VAL A 99 4.27 -9.18 13.15
C VAL A 99 2.85 -9.35 12.63
N ALA A 100 2.07 -10.19 13.31
CA ALA A 100 0.66 -10.38 12.96
C ALA A 100 -0.23 -10.06 14.14
N LEU A 101 -1.32 -9.34 13.90
CA LEU A 101 -2.23 -8.88 14.94
C LEU A 101 -3.62 -9.20 14.45
N LEU A 102 -4.39 -9.84 15.32
CA LEU A 102 -5.68 -10.42 14.97
C LEU A 102 -6.62 -10.15 16.13
N SER A 103 -7.60 -9.32 15.90
CA SER A 103 -8.46 -8.90 16.96
C SER A 103 -9.66 -8.29 16.31
N HIS A 104 -10.49 -7.61 17.10
CA HIS A 104 -11.49 -6.73 16.56
C HIS A 104 -10.77 -5.38 16.41
N GLY A 105 -11.30 -4.49 15.58
CA GLY A 105 -10.63 -3.23 15.41
C GLY A 105 -11.55 -2.17 14.90
N VAL A 106 -11.04 -0.93 14.82
CA VAL A 106 -11.65 0.16 14.04
C VAL A 106 -10.65 0.66 12.97
N GLU A 107 -11.04 1.64 12.15
CA GLU A 107 -10.07 2.22 11.21
C GLU A 107 -8.84 2.74 11.95
N GLY A 108 -7.63 2.33 11.51
CA GLY A 108 -6.43 2.78 12.23
C GLY A 108 -6.13 2.22 13.67
N ALA A 109 -6.88 1.25 14.15
CA ALA A 109 -6.61 0.84 15.54
C ALA A 109 -7.19 -0.52 15.88
N ILE A 110 -6.59 -1.22 16.84
CA ILE A 110 -7.08 -2.54 17.23
C ILE A 110 -7.41 -2.63 18.69
N TYR A 111 -8.36 -3.52 18.98
CA TYR A 111 -8.83 -3.70 20.33
C TYR A 111 -8.02 -4.72 21.12
N GLY A 112 -7.73 -4.35 22.36
CA GLY A 112 -7.29 -5.26 23.41
C GLY A 112 -8.51 -6.02 23.93
N VAL A 113 -8.31 -7.17 24.59
CA VAL A 113 -9.48 -7.88 25.11
C VAL A 113 -10.28 -6.99 26.08
N ASP A 114 -9.67 -5.93 26.58
CA ASP A 114 -10.46 -5.04 27.44
C ASP A 114 -11.35 -4.00 26.74
N GLY A 115 -11.47 -4.03 25.40
CA GLY A 115 -12.29 -3.03 24.72
C GLY A 115 -11.68 -1.62 24.60
N LYS A 116 -10.41 -1.50 24.97
CA LYS A 116 -9.61 -0.31 24.73
C LYS A 116 -8.71 -0.45 23.49
N LEU A 117 -8.45 0.68 22.83
CA LEU A 117 -7.86 0.70 21.47
C LEU A 117 -6.35 0.95 21.45
N LEU A 118 -5.63 0.15 20.68
CA LEU A 118 -4.20 0.39 20.45
C LEU A 118 -4.02 0.96 18.99
N GLN A 119 -3.43 2.15 18.83
CA GLN A 119 -3.29 2.81 17.52
C GLN A 119 -2.24 2.08 16.67
N LEU A 120 -2.63 1.75 15.44
CA LEU A 120 -1.66 1.13 14.59
C LEU A 120 -0.42 2.02 14.34
N GLN A 121 -0.60 3.34 14.20
CA GLN A 121 0.56 4.23 14.08
C GLN A 121 1.53 4.00 15.21
N GLU A 122 1.03 3.82 16.46
CA GLU A 122 1.92 3.52 17.60
C GLU A 122 2.62 2.17 17.39
N VAL A 123 1.89 1.17 16.87
CA VAL A 123 2.55 -0.12 16.56
C VAL A 123 3.74 0.01 15.55
N PHE A 124 3.48 0.62 14.38
CA PHE A 124 4.51 0.75 13.33
C PHE A 124 5.72 1.49 13.87
N GLN A 125 5.44 2.48 14.69
CA GLN A 125 6.45 3.30 15.27
C GLN A 125 7.51 2.56 16.10
N LEU A 126 7.07 1.61 16.93
CA LEU A 126 7.97 0.77 17.74
C LEU A 126 8.98 0.06 16.86
N PHE A 127 8.65 -0.13 15.57
CA PHE A 127 9.59 -0.85 14.70
C PHE A 127 10.32 0.06 13.71
N ASP A 128 10.14 1.37 13.87
CA ASP A 128 10.69 2.27 12.81
C ASP A 128 12.21 2.50 12.96
N ASN A 129 12.78 3.31 12.08
CA ASN A 129 14.24 3.50 12.09
C ASN A 129 14.83 4.17 13.32
N ALA A 130 14.00 4.95 14.03
CA ALA A 130 14.45 5.65 15.25
C ALA A 130 14.39 4.79 16.48
N ASN A 131 13.33 3.99 16.58
CA ASN A 131 13.09 3.17 17.77
C ASN A 131 13.74 1.75 17.67
N CYS A 132 13.99 1.28 16.45
CA CYS A 132 14.40 -0.08 16.27
C CYS A 132 15.61 -0.15 15.33
N PRO A 133 16.75 0.40 15.81
CA PRO A 133 18.01 0.51 15.08
C PRO A 133 18.42 -0.88 14.58
N SER A 134 18.03 -1.95 15.29
CA SER A 134 18.42 -3.28 14.85
C SER A 134 17.80 -3.76 13.54
N LEU A 135 16.65 -3.23 13.19
CA LEU A 135 15.97 -3.65 11.98
C LEU A 135 16.09 -2.64 10.82
N GLN A 136 16.95 -1.64 11.01
CA GLN A 136 17.15 -0.59 9.99
C GLN A 136 17.50 -1.19 8.64
N ASN A 137 16.83 -0.73 7.57
CA ASN A 137 17.06 -1.25 6.23
C ASN A 137 16.73 -2.74 6.07
N LYS A 138 16.05 -3.30 7.07
CA LYS A 138 15.59 -4.70 7.03
C LYS A 138 14.07 -4.71 6.76
N PRO A 139 13.59 -5.65 5.95
CA PRO A 139 12.15 -5.56 5.69
C PRO A 139 11.35 -5.96 6.90
N LYS A 140 10.28 -5.21 7.21
CA LYS A 140 9.39 -5.55 8.33
C LYS A 140 7.97 -5.79 7.79
N MET A 141 7.45 -6.98 7.97
CA MET A 141 6.15 -7.30 7.46
C MET A 141 5.15 -7.23 8.57
N PHE A 142 4.01 -6.62 8.29
CA PHE A 142 2.89 -6.64 9.25
C PHE A 142 1.66 -7.23 8.58
N PHE A 143 0.89 -8.01 9.34
CA PHE A 143 -0.41 -8.47 8.85
C PHE A 143 -1.44 -8.23 9.90
N ILE A 144 -2.49 -7.50 9.52
CA ILE A 144 -3.51 -6.98 10.42
C ILE A 144 -4.90 -7.50 10.11
N GLN A 145 -5.33 -8.55 10.80
CA GLN A 145 -6.67 -9.07 10.67
C GLN A 145 -7.50 -8.37 11.75
N ALA A 146 -8.22 -7.35 11.38
CA ALA A 146 -9.02 -6.65 12.39
C ALA A 146 -10.05 -5.83 11.64
N CYS A 147 -11.26 -5.66 12.16
CA CYS A 147 -12.22 -4.73 11.47
C CYS A 147 -11.64 -3.29 11.31
N ARG A 148 -12.12 -2.58 10.29
CA ARG A 148 -11.78 -1.17 10.11
C ARG A 148 -13.08 -0.34 10.06
N GLY A 149 -14.16 -1.02 10.46
CA GLY A 149 -15.51 -0.46 10.56
C GLY A 149 -16.42 -1.61 10.98
N ASP A 150 -17.74 -1.38 11.00
CA ASP A 150 -18.69 -2.49 11.26
C ASP A 150 -19.61 -2.86 10.10
N GLU A 151 -19.62 -1.99 9.06
CA GLU A 151 -20.40 -2.22 7.84
C GLU A 151 -19.95 -3.50 7.16
N THR A 152 -20.88 -4.39 6.90
CA THR A 152 -20.57 -5.48 5.98
C THR A 152 -20.90 -5.00 4.55
N ASP A 153 -20.11 -5.48 3.61
CA ASP A 153 -20.18 -5.04 2.22
C ASP A 153 -21.17 -5.95 1.45
N ARG A 154 -22.28 -5.32 1.03
CA ARG A 154 -23.32 -5.95 0.19
C ARG A 154 -22.71 -6.35 -1.16
N GLY A 155 -21.70 -5.61 -1.58
CA GLY A 155 -21.08 -5.86 -2.86
C GLY A 155 -21.95 -5.29 -3.97
N VAL A 156 -21.55 -5.60 -5.19
CA VAL A 156 -22.17 -5.03 -6.33
C VAL A 156 -22.16 -6.08 -7.44
N ASP A 157 -23.22 -6.12 -8.22
CA ASP A 157 -23.19 -7.04 -9.36
C ASP A 157 -22.58 -6.38 -10.58
N GLN A 158 -21.74 -7.18 -11.20
CA GLN A 158 -20.92 -6.81 -12.29
C GLN A 158 -21.81 -6.60 -13.53
N GLN A 159 -21.56 -5.50 -14.26
CA GLN A 159 -22.26 -5.20 -15.53
C GLN A 159 -22.31 -6.40 -16.50
N PRO B 6 28.73 13.92 6.02
CA PRO B 6 28.15 13.46 4.75
C PRO B 6 27.74 11.96 4.75
N LYS B 7 27.25 11.45 5.89
CA LYS B 7 26.67 10.10 5.94
C LYS B 7 25.25 10.07 5.38
N MET B 8 24.90 8.99 4.66
CA MET B 8 23.51 8.67 4.42
C MET B 8 22.73 8.45 5.76
N ARG B 9 21.54 9.02 5.76
CA ARG B 9 20.68 9.00 6.89
C ARG B 9 19.39 8.46 6.34
N LEU B 10 18.48 8.14 7.24
CA LEU B 10 17.27 7.44 6.86
C LEU B 10 16.10 8.32 7.21
N PRO B 11 14.98 8.10 6.57
CA PRO B 11 13.75 8.70 7.05
C PRO B 11 13.38 8.05 8.39
N THR B 12 12.44 8.58 9.13
CA THR B 12 12.13 7.98 10.43
C THR B 12 11.54 6.57 10.26
N ARG B 13 10.85 6.36 9.15
CA ARG B 13 10.17 5.10 8.84
C ARG B 13 10.30 4.62 7.43
N SER B 14 10.70 3.35 7.24
CA SER B 14 10.78 2.85 5.89
C SER B 14 10.92 1.33 5.92
N ASP B 15 10.83 0.72 4.73
CA ASP B 15 11.02 -0.68 4.55
C ASP B 15 9.99 -1.51 5.32
N MET B 16 8.74 -1.05 5.41
CA MET B 16 7.63 -1.88 5.97
C MET B 16 6.64 -2.21 4.90
N ILE B 17 6.00 -3.36 5.05
CA ILE B 17 4.84 -3.66 4.23
C ILE B 17 3.76 -4.19 5.17
N CYS B 18 2.52 -3.70 5.01
CA CYS B 18 1.39 -4.11 5.87
CA CYS B 18 1.40 -4.07 5.88
C CYS B 18 0.25 -4.61 5.03
N GLY B 19 -0.12 -5.87 5.25
CA GLY B 19 -1.34 -6.44 4.68
C GLY B 19 -2.53 -6.25 5.64
N TYR B 20 -3.63 -5.72 5.13
CA TYR B 20 -4.83 -5.50 5.90
C TYR B 20 -5.95 -6.40 5.34
N ALA B 21 -6.74 -7.05 6.22
CA ALA B 21 -7.79 -8.02 5.79
C ALA B 21 -9.03 -7.35 5.16
N CYS B 22 -9.30 -6.13 5.53
CA CYS B 22 -10.48 -5.49 4.95
C CYS B 22 -10.19 -4.01 4.63
N LEU B 23 -11.10 -3.33 3.94
CA LEU B 23 -10.88 -1.92 3.63
C LEU B 23 -11.41 -1.00 4.75
N LYS B 24 -10.93 0.24 4.76
CA LYS B 24 -11.40 1.33 5.63
C LYS B 24 -12.94 1.45 5.66
N GLY B 25 -13.50 1.40 6.89
CA GLY B 25 -14.95 1.51 7.10
C GLY B 25 -15.71 0.18 7.08
N THR B 26 -15.00 -0.91 6.80
CA THR B 26 -15.68 -2.20 6.64
C THR B 26 -15.22 -3.19 7.71
N ALA B 27 -16.04 -4.21 7.96
CA ALA B 27 -15.66 -5.30 8.84
C ALA B 27 -15.13 -6.43 7.97
N ALA B 28 -14.48 -7.38 8.64
CA ALA B 28 -13.78 -8.50 8.03
C ALA B 28 -14.55 -9.85 8.20
N MET B 29 -14.66 -10.61 7.10
CA MET B 29 -15.34 -11.92 7.09
C MET B 29 -14.55 -12.98 7.86
N ARG B 30 -15.18 -13.58 8.87
CA ARG B 30 -14.55 -14.71 9.62
C ARG B 30 -15.51 -15.91 9.69
N ASN B 31 -14.99 -17.09 9.33
CA ASN B 31 -15.76 -18.34 9.47
C ASN B 31 -15.52 -19.06 10.81
N THR B 32 -16.61 -19.27 11.56
CA THR B 32 -16.45 -19.97 12.84
C THR B 32 -15.66 -21.28 12.63
N LYS B 33 -15.82 -21.93 11.49
CA LYS B 33 -15.15 -23.23 11.28
C LYS B 33 -13.78 -23.15 10.57
N ARG B 34 -13.54 -22.08 9.79
CA ARG B 34 -12.38 -22.01 8.88
C ARG B 34 -11.49 -20.80 9.11
N GLY B 35 -11.77 -20.04 10.16
CA GLY B 35 -11.03 -18.80 10.32
C GLY B 35 -11.34 -17.77 9.21
N SER B 36 -10.58 -16.69 9.19
CA SER B 36 -10.85 -15.55 8.33
C SER B 36 -10.48 -15.86 6.90
N TRP B 37 -11.26 -15.32 5.98
CA TRP B 37 -10.98 -15.43 4.54
C TRP B 37 -9.53 -15.02 4.28
N TYR B 38 -9.11 -13.97 4.94
CA TYR B 38 -7.81 -13.41 4.64
C TYR B 38 -6.64 -14.29 5.07
N ILE B 39 -6.63 -14.67 6.34
CA ILE B 39 -5.61 -15.61 6.84
C ILE B 39 -5.53 -16.88 6.01
N GLU B 40 -6.67 -17.39 5.62
CA GLU B 40 -6.66 -18.61 4.80
C GLU B 40 -6.03 -18.42 3.37
N ALA B 41 -6.42 -17.34 2.70
CA ALA B 41 -5.81 -17.06 1.41
C ALA B 41 -4.34 -16.83 1.58
N LEU B 42 -3.99 -16.20 2.68
CA LEU B 42 -2.60 -15.81 2.82
C LEU B 42 -1.72 -17.03 2.93
N ALA B 43 -2.16 -18.00 3.71
CA ALA B 43 -1.36 -19.21 3.92
C ALA B 43 -1.25 -20.02 2.66
N GLN B 44 -2.31 -20.14 1.91
CA GLN B 44 -2.09 -20.90 0.67
C GLN B 44 -1.27 -20.17 -0.36
N VAL B 45 -1.55 -18.90 -0.60
CA VAL B 45 -0.66 -18.21 -1.53
C VAL B 45 0.78 -18.34 -1.02
N PHE B 46 1.02 -18.06 0.26
CA PHE B 46 2.41 -18.03 0.70
C PHE B 46 3.06 -19.41 0.69
N SER B 47 2.35 -20.42 1.16
CA SER B 47 2.98 -21.74 1.16
C SER B 47 3.30 -22.20 -0.26
N GLU B 48 2.43 -21.87 -1.22
CA GLU B 48 2.72 -22.27 -2.62
C GLU B 48 3.74 -21.41 -3.41
N ARG B 49 3.79 -20.11 -3.14
CA ARG B 49 4.48 -19.21 -4.07
C ARG B 49 5.68 -18.46 -3.49
N ALA B 50 5.94 -18.64 -2.19
CA ALA B 50 7.04 -17.92 -1.57
C ALA B 50 8.33 -18.37 -2.22
N CYS B 51 8.26 -19.45 -2.99
CA CYS B 51 9.46 -19.98 -3.64
C CYS B 51 9.79 -19.20 -4.91
N ASP B 52 8.79 -18.60 -5.55
CA ASP B 52 9.03 -17.88 -6.81
C ASP B 52 8.38 -16.48 -7.00
N MET B 53 7.89 -15.87 -5.93
CA MET B 53 7.10 -14.66 -6.08
C MET B 53 7.42 -13.82 -4.87
N HIS B 54 7.62 -12.50 -5.03
CA HIS B 54 8.04 -11.72 -3.87
C HIS B 54 6.78 -11.34 -3.05
N VAL B 55 6.96 -10.86 -1.84
CA VAL B 55 5.80 -10.74 -0.92
C VAL B 55 4.69 -9.77 -1.40
N ALA B 56 5.09 -8.61 -1.93
CA ALA B 56 4.06 -7.69 -2.45
C ALA B 56 3.30 -8.37 -3.59
N ASP B 57 3.97 -9.02 -4.52
CA ASP B 57 3.19 -9.76 -5.50
C ASP B 57 2.33 -10.87 -4.88
N MET B 58 2.85 -11.58 -3.87
CA MET B 58 1.98 -12.61 -3.23
C MET B 58 0.72 -11.98 -2.55
N LEU B 59 0.88 -10.79 -1.93
CA LEU B 59 -0.30 -10.02 -1.44
C LEU B 59 -1.29 -9.59 -2.57
N VAL B 60 -0.79 -9.40 -3.78
CA VAL B 60 -1.71 -9.17 -4.93
C VAL B 60 -2.55 -10.44 -5.26
N LYS B 61 -1.87 -11.59 -5.27
CA LYS B 61 -2.62 -12.85 -5.47
C LYS B 61 -3.64 -13.08 -4.33
N VAL B 62 -3.30 -12.64 -3.12
CA VAL B 62 -4.27 -12.77 -2.04
C VAL B 62 -5.49 -11.90 -2.37
N ASN B 63 -5.22 -10.64 -2.71
CA ASN B 63 -6.30 -9.74 -3.16
C ASN B 63 -7.17 -10.39 -4.23
N ALA B 64 -6.54 -11.00 -5.24
CA ALA B 64 -7.29 -11.71 -6.25
C ALA B 64 -8.22 -12.78 -5.59
N LEU B 65 -7.69 -13.65 -4.71
CA LEU B 65 -8.56 -14.63 -4.02
C LEU B 65 -9.71 -13.95 -3.24
N ILE B 66 -9.37 -12.94 -2.45
CA ILE B 66 -10.38 -12.32 -1.63
C ILE B 66 -11.52 -11.69 -2.45
N LYS B 67 -11.15 -10.98 -3.51
CA LYS B 67 -12.11 -10.32 -4.40
C LYS B 67 -13.17 -11.28 -4.93
N ASP B 68 -12.75 -12.53 -5.22
CA ASP B 68 -13.62 -13.50 -5.87
C ASP B 68 -14.52 -14.25 -4.91
N ARG B 69 -14.19 -14.24 -3.62
CA ARG B 69 -15.00 -14.94 -2.61
C ARG B 69 -16.23 -14.19 -2.15
N GLU B 70 -17.26 -14.93 -1.77
CA GLU B 70 -18.48 -14.32 -1.21
C GLU B 70 -19.02 -15.16 -0.04
N GLY B 71 -19.75 -14.50 0.86
CA GLY B 71 -20.32 -15.13 2.04
C GLY B 71 -21.52 -16.04 1.82
N TYR B 72 -21.44 -17.26 2.36
CA TYR B 72 -22.59 -18.17 2.33
C TYR B 72 -23.29 -18.26 3.71
N ALA B 73 -24.18 -17.29 3.99
CA ALA B 73 -25.00 -17.22 5.21
C ALA B 73 -26.52 -17.03 4.95
N PRO B 74 -27.16 -18.01 4.26
CA PRO B 74 -28.56 -17.87 3.85
C PRO B 74 -29.39 -17.56 5.07
N GLY B 75 -30.47 -16.81 4.87
CA GLY B 75 -31.21 -16.29 5.99
C GLY B 75 -30.88 -14.82 6.08
N THR B 76 -29.99 -14.48 7.03
CA THR B 76 -29.50 -13.10 7.14
C THR B 76 -29.06 -12.57 5.77
N GLU B 77 -29.83 -11.61 5.24
CA GLU B 77 -29.31 -10.74 4.20
C GLU B 77 -27.98 -10.26 4.79
N PHE B 78 -26.90 -10.77 4.18
CA PHE B 78 -25.54 -10.84 4.73
C PHE B 78 -25.08 -12.17 4.15
N HIS B 79 -25.92 -12.69 3.27
CA HIS B 79 -25.58 -13.79 2.39
C HIS B 79 -25.06 -13.13 1.07
N ARG B 80 -24.16 -13.82 0.38
CA ARG B 80 -23.52 -13.31 -0.86
C ARG B 80 -22.67 -12.02 -0.63
N CYS B 81 -22.49 -11.69 0.65
CA CYS B 81 -21.67 -10.55 1.10
C CYS B 81 -20.14 -10.70 0.80
N LYS B 82 -19.45 -9.54 0.85
CA LYS B 82 -18.10 -9.43 0.26
C LYS B 82 -17.11 -8.75 1.20
N GLU B 83 -15.84 -8.88 0.88
CA GLU B 83 -14.82 -8.07 1.54
C GLU B 83 -13.70 -7.78 0.54
N MET B 84 -12.91 -6.75 0.82
CA MET B 84 -11.70 -6.56 0.04
C MET B 84 -10.52 -6.29 0.91
N SER B 85 -9.44 -7.00 0.63
CA SER B 85 -8.18 -6.74 1.29
C SER B 85 -7.29 -5.71 0.56
N GLU B 86 -6.21 -5.27 1.23
CA GLU B 86 -5.31 -4.29 0.66
C GLU B 86 -3.98 -4.36 1.37
N TYR B 87 -2.91 -3.91 0.72
CA TYR B 87 -1.63 -3.79 1.40
C TYR B 87 -1.10 -2.43 1.12
N CYS B 88 -0.28 -1.97 2.04
CA CYS B 88 0.36 -0.66 1.91
CA CYS B 88 0.37 -0.67 1.92
C CYS B 88 1.89 -0.91 2.02
N SER B 89 2.73 -0.20 1.27
CA SER B 89 4.15 -0.55 1.27
C SER B 89 5.12 0.63 1.25
N THR B 90 6.12 0.59 2.12
CA THR B 90 7.30 1.45 2.00
C THR B 90 8.54 0.60 1.73
N LEU B 91 8.37 -0.56 1.11
CA LEU B 91 9.51 -1.31 0.63
C LEU B 91 10.31 -0.59 -0.41
N CYS B 92 11.62 -0.84 -0.40
CA CYS B 92 12.53 -0.25 -1.42
C CYS B 92 13.23 -1.22 -2.34
N ARG B 93 12.92 -2.52 -2.22
CA ARG B 93 13.53 -3.62 -2.98
C ARG B 93 12.51 -4.78 -2.97
N HIS B 94 12.66 -5.77 -3.86
CA HIS B 94 11.82 -6.97 -3.84
C HIS B 94 12.00 -7.71 -2.51
N LEU B 95 10.91 -8.24 -1.97
CA LEU B 95 11.04 -9.04 -0.77
C LEU B 95 10.76 -10.55 -1.03
N TYR B 96 11.84 -11.29 -1.23
CA TYR B 96 11.76 -12.72 -1.53
C TYR B 96 12.17 -13.43 -0.26
N LEU B 97 11.41 -14.42 0.14
CA LEU B 97 11.69 -15.05 1.43
C LEU B 97 12.68 -16.27 1.31
N PHE B 98 12.99 -16.68 0.08
CA PHE B 98 13.95 -17.74 -0.22
C PHE B 98 13.76 -18.97 0.66
N PRO B 99 12.55 -19.53 0.68
CA PRO B 99 12.30 -20.67 1.57
C PRO B 99 13.19 -21.87 1.24
N GLY B 100 13.70 -22.53 2.31
CA GLY B 100 14.48 -23.75 2.21
C GLY B 100 15.84 -23.52 1.54
N HIS B 101 16.25 -22.26 1.35
CA HIS B 101 17.60 -21.96 0.84
C HIS B 101 18.44 -21.14 1.80
N PRO B 102 19.68 -21.61 2.10
CA PRO B 102 20.21 -22.91 1.66
C PRO B 102 19.74 -24.04 2.59
N PRO B 103 20.10 -25.28 2.24
CA PRO B 103 19.77 -26.31 3.22
C PRO B 103 20.80 -26.32 4.36
N MET C 1 11.74 14.28 -22.66
CA MET C 1 11.63 13.00 -21.90
C MET C 1 11.31 11.89 -22.86
N GLN C 2 11.83 10.72 -22.56
CA GLN C 2 11.50 9.58 -23.37
C GLN C 2 11.12 8.33 -22.62
N VAL C 3 10.02 7.75 -23.06
CA VAL C 3 9.61 6.44 -22.61
C VAL C 3 10.07 5.27 -23.47
N LYS C 4 11.02 4.51 -22.93
CA LYS C 4 11.49 3.28 -23.53
C LYS C 4 10.36 2.30 -23.77
N PRO C 5 10.24 1.77 -25.00
CA PRO C 5 9.15 0.84 -25.37
C PRO C 5 9.37 -0.54 -24.85
N CYS C 6 8.28 -1.30 -24.81
CA CYS C 6 8.37 -2.68 -24.42
C CYS C 6 8.53 -3.56 -25.68
N THR C 7 9.30 -4.63 -25.58
CA THR C 7 9.47 -5.52 -26.71
C THR C 7 8.24 -6.38 -26.91
N PRO C 8 7.97 -6.78 -28.17
CA PRO C 8 6.89 -7.75 -28.41
C PRO C 8 7.06 -9.05 -27.64
N GLU C 9 8.29 -9.45 -27.39
CA GLU C 9 8.49 -10.69 -26.66
C GLU C 9 8.14 -10.46 -25.18
N PHE C 10 8.42 -9.26 -24.67
CA PHE C 10 8.03 -8.99 -23.29
C PHE C 10 6.52 -9.07 -23.17
N TYR C 11 5.80 -8.45 -24.11
CA TYR C 11 4.35 -8.51 -24.07
C TYR C 11 3.79 -9.94 -24.20
N GLN C 12 4.34 -10.70 -25.15
CA GLN C 12 3.88 -12.09 -25.32
C GLN C 12 4.11 -12.86 -24.08
N THR C 13 5.27 -12.65 -23.45
CA THR C 13 5.49 -13.42 -22.22
C THR C 13 4.75 -12.90 -20.97
N HIS C 14 4.15 -11.70 -21.02
CA HIS C 14 3.56 -11.17 -19.82
C HIS C 14 2.08 -10.88 -19.86
N PHE C 15 1.49 -10.70 -21.05
CA PHE C 15 0.12 -10.20 -21.08
C PHE C 15 -0.93 -11.08 -20.42
N GLN C 16 -0.74 -12.38 -20.50
CA GLN C 16 -1.78 -13.27 -20.00
C GLN C 16 -1.89 -13.22 -18.46
N LEU C 17 -0.79 -12.87 -17.80
CA LEU C 17 -0.87 -12.75 -16.33
C LEU C 17 -0.87 -11.28 -15.89
N ALA C 18 -1.61 -10.45 -16.60
CA ALA C 18 -1.61 -9.05 -16.29
C ALA C 18 -2.93 -8.48 -16.64
N TYR C 19 -3.24 -7.31 -16.09
CA TYR C 19 -4.46 -6.67 -16.46
C TYR C 19 -4.45 -6.45 -18.00
N ARG C 20 -5.57 -6.65 -18.65
CA ARG C 20 -5.63 -6.22 -20.05
C ARG C 20 -5.30 -4.71 -20.25
N LEU C 21 -4.22 -4.38 -20.95
CA LEU C 21 -3.84 -2.99 -21.12
C LEU C 21 -3.33 -2.69 -22.57
N GLN C 22 -4.24 -2.68 -23.54
CA GLN C 22 -3.89 -2.56 -24.97
C GLN C 22 -4.75 -1.53 -25.73
N SER C 23 -5.71 -0.91 -25.04
CA SER C 23 -6.68 -0.07 -25.72
C SER C 23 -5.96 1.16 -26.23
N ARG C 24 -6.65 1.93 -27.08
CA ARG C 24 -6.07 3.15 -27.60
C ARG C 24 -7.10 4.25 -27.59
N PRO C 25 -6.91 5.21 -26.68
CA PRO C 25 -5.86 5.32 -25.64
C PRO C 25 -5.90 4.22 -24.50
N ARG C 26 -4.77 4.02 -23.84
CA ARG C 26 -4.69 3.11 -22.66
C ARG C 26 -5.69 3.47 -21.57
N GLY C 27 -6.02 4.76 -21.52
CA GLY C 27 -7.21 5.19 -20.85
C GLY C 27 -7.21 6.70 -20.79
N LEU C 28 -8.15 7.32 -20.08
CA LEU C 28 -7.98 8.75 -19.83
C LEU C 28 -7.19 9.00 -18.57
N ALA C 29 -6.56 10.19 -18.52
CA ALA C 29 -5.83 10.59 -17.32
C ALA C 29 -6.20 12.00 -17.01
N LEU C 30 -6.39 12.27 -15.71
CA LEU C 30 -6.65 13.61 -15.24
C LEU C 30 -5.49 14.06 -14.37
N VAL C 31 -4.92 15.23 -14.67
CA VAL C 31 -3.91 15.81 -13.80
C VAL C 31 -4.49 17.11 -13.34
N LEU C 32 -4.66 17.18 -12.03
CA LEU C 32 -5.26 18.31 -11.35
C LEU C 32 -4.24 18.95 -10.37
N SER C 33 -3.90 20.21 -10.60
CA SER C 33 -2.91 20.93 -9.81
C SER C 33 -3.50 22.21 -9.23
N ASN C 34 -3.29 22.44 -7.94
CA ASN C 34 -3.51 23.73 -7.32
C ASN C 34 -2.18 24.34 -6.94
N VAL C 35 -1.85 25.50 -7.46
CA VAL C 35 -0.67 26.22 -6.99
C VAL C 35 -0.90 27.64 -6.33
N HIS C 36 -1.92 28.36 -6.79
CA HIS C 36 -2.27 29.69 -6.27
C HIS C 36 -3.39 29.60 -5.27
N PHE C 37 -3.09 29.95 -4.04
CA PHE C 37 -4.11 29.86 -3.02
C PHE C 37 -4.70 31.19 -2.57
N THR C 38 -6.03 31.25 -2.65
CA THR C 38 -6.87 32.40 -2.30
C THR C 38 -6.91 32.40 -0.81
N GLY C 39 -5.70 32.55 -0.28
CA GLY C 39 -5.36 32.81 1.11
C GLY C 39 -6.20 32.37 2.29
N GLU C 40 -7.35 31.75 2.02
CA GLU C 40 -8.32 31.45 3.09
C GLU C 40 -7.99 30.21 3.91
N LYS C 41 -6.78 30.18 4.50
CA LYS C 41 -6.43 29.21 5.56
C LYS C 41 -4.93 29.26 5.75
N GLU C 42 -4.35 30.34 5.27
CA GLU C 42 -2.94 30.71 5.44
C GLU C 42 -2.09 29.82 4.55
N LEU C 43 -2.52 29.70 3.29
CA LEU C 43 -1.91 28.73 2.38
C LEU C 43 -1.04 29.40 1.35
N GLU C 44 0.15 28.86 1.16
CA GLU C 44 1.16 29.53 0.39
C GLU C 44 1.20 29.07 -1.06
N PHE C 45 1.61 29.97 -1.95
CA PHE C 45 1.86 29.62 -3.32
C PHE C 45 2.83 28.42 -3.41
N ARG C 46 2.63 27.51 -4.38
CA ARG C 46 3.44 26.29 -4.48
C ARG C 46 4.43 26.38 -5.62
N SER C 47 5.59 26.97 -5.37
CA SER C 47 6.63 27.05 -6.42
C SER C 47 7.18 25.66 -6.80
N GLY C 48 7.09 25.31 -8.07
CA GLY C 48 7.55 24.00 -8.52
C GLY C 48 6.34 23.24 -8.98
N GLY C 49 5.17 23.70 -8.52
CA GLY C 49 3.90 23.15 -8.95
C GLY C 49 3.69 23.08 -10.46
N ASP C 50 4.09 24.16 -11.17
CA ASP C 50 4.07 24.20 -12.63
C ASP C 50 4.87 23.07 -13.21
N VAL C 51 6.11 22.95 -12.72
CA VAL C 51 7.00 21.85 -13.17
C VAL C 51 6.44 20.43 -12.91
N ASP C 52 6.02 20.14 -11.68
CA ASP C 52 5.39 18.84 -11.38
C ASP C 52 4.24 18.63 -12.36
N HIS C 53 3.42 19.67 -12.58
CA HIS C 53 2.26 19.56 -13.46
C HIS C 53 2.63 19.12 -14.89
N SER C 54 3.63 19.76 -15.41
CA SER C 54 3.93 19.53 -16.82
C SER C 54 4.71 18.21 -16.98
N THR C 55 5.50 17.87 -15.97
CA THR C 55 6.22 16.60 -16.05
C THR C 55 5.24 15.45 -16.10
N LEU C 56 4.21 15.51 -15.27
CA LEU C 56 3.16 14.48 -15.30
C LEU C 56 2.33 14.48 -16.63
N VAL C 57 1.99 15.68 -17.10
CA VAL C 57 1.24 15.75 -18.35
C VAL C 57 2.06 15.06 -19.38
N THR C 58 3.37 15.27 -19.34
CA THR C 58 4.24 14.71 -20.40
C THR C 58 4.40 13.20 -20.24
N LEU C 59 4.67 12.78 -19.00
CA LEU C 59 4.79 11.37 -18.72
C LEU C 59 3.56 10.60 -19.26
N PHE C 60 2.38 11.06 -18.88
CA PHE C 60 1.17 10.24 -19.14
C PHE C 60 0.80 10.21 -20.62
N LYS C 61 1.12 11.29 -21.31
CA LYS C 61 0.96 11.31 -22.78
C LYS C 61 1.90 10.31 -23.39
N LEU C 62 3.17 10.33 -22.98
CA LEU C 62 4.13 9.38 -23.58
C LEU C 62 3.76 7.96 -23.24
N LEU C 63 3.04 7.79 -22.13
CA LEU C 63 2.61 6.42 -21.76
C LEU C 63 1.37 5.99 -22.54
N GLY C 64 0.79 6.89 -23.34
CA GLY C 64 -0.34 6.55 -24.24
C GLY C 64 -1.74 6.90 -23.75
N TYR C 65 -1.84 7.76 -22.72
CA TYR C 65 -3.13 8.13 -22.11
C TYR C 65 -3.69 9.39 -22.83
N ASP C 66 -5.01 9.51 -22.94
CA ASP C 66 -5.63 10.81 -23.28
C ASP C 66 -5.72 11.76 -22.05
N VAL C 67 -4.82 12.75 -22.01
CA VAL C 67 -4.54 13.49 -20.79
C VAL C 67 -5.37 14.79 -20.71
N HIS C 68 -6.09 15.03 -19.62
CA HIS C 68 -6.93 16.22 -19.43
C HIS C 68 -6.42 16.88 -18.19
N VAL C 69 -6.46 18.21 -18.11
CA VAL C 69 -5.81 18.97 -17.02
C VAL C 69 -6.81 19.91 -16.44
N LEU C 70 -6.58 20.27 -15.18
CA LEU C 70 -7.40 21.21 -14.39
C LEU C 70 -6.43 21.95 -13.51
N CYS C 71 -6.53 23.28 -13.45
CA CYS C 71 -5.69 24.07 -12.56
C CYS C 71 -6.55 24.95 -11.64
N ASP C 72 -6.10 25.07 -10.38
CA ASP C 72 -6.60 26.04 -9.41
C ASP C 72 -8.10 26.03 -9.19
N GLN C 73 -8.56 24.91 -8.67
CA GLN C 73 -9.94 24.62 -8.43
C GLN C 73 -10.29 24.70 -6.94
N THR C 74 -11.53 25.03 -6.61
CA THR C 74 -11.91 25.02 -5.20
C THR C 74 -12.22 23.56 -4.87
N ALA C 75 -12.41 23.26 -3.59
CA ALA C 75 -12.73 21.90 -3.16
C ALA C 75 -13.97 21.42 -3.87
N GLN C 76 -14.92 22.28 -4.05
CA GLN C 76 -16.18 21.85 -4.64
C GLN C 76 -16.08 21.73 -6.17
N GLU C 77 -15.23 22.52 -6.79
CA GLU C 77 -15.01 22.30 -8.18
C GLU C 77 -14.27 20.98 -8.31
N MET C 78 -13.30 20.72 -7.43
CA MET C 78 -12.52 19.50 -7.48
C MET C 78 -13.49 18.35 -7.40
N GLN C 79 -14.54 18.55 -6.68
CA GLN C 79 -15.38 17.43 -6.44
C GLN C 79 -16.38 17.16 -7.56
N GLU C 80 -17.01 18.23 -8.07
CA GLU C 80 -17.88 18.14 -9.22
C GLU C 80 -17.09 17.52 -10.41
N LYS C 81 -15.92 18.08 -10.72
CA LYS C 81 -15.21 17.66 -11.95
C LYS C 81 -14.60 16.22 -11.92
N LEU C 82 -14.11 15.76 -10.76
CA LEU C 82 -13.75 14.36 -10.56
C LEU C 82 -14.97 13.48 -10.73
N GLN C 83 -16.11 13.93 -10.22
CA GLN C 83 -17.28 13.13 -10.46
C GLN C 83 -17.66 13.08 -11.95
N ASN C 84 -17.63 14.24 -12.62
CA ASN C 84 -17.86 14.24 -14.07
C ASN C 84 -16.83 13.37 -14.77
N PHE C 85 -15.57 13.45 -14.35
CA PHE C 85 -14.54 12.67 -15.05
C PHE C 85 -14.76 11.13 -14.85
N ALA C 86 -15.11 10.72 -13.64
CA ALA C 86 -15.30 9.29 -13.38
C ALA C 86 -16.46 8.79 -14.20
N GLN C 87 -17.37 9.72 -14.49
CA GLN C 87 -18.64 9.42 -15.12
C GLN C 87 -18.55 9.42 -16.69
N LEU C 88 -17.41 9.82 -17.25
CA LEU C 88 -17.23 9.82 -18.71
C LEU C 88 -17.56 8.46 -19.36
N PRO C 89 -18.37 8.46 -20.43
CA PRO C 89 -18.70 7.27 -21.23
C PRO C 89 -17.48 6.51 -21.83
N ALA C 90 -16.40 7.21 -22.17
CA ALA C 90 -15.27 6.49 -22.75
C ALA C 90 -14.69 5.39 -21.81
N HIS C 91 -14.75 5.61 -20.50
CA HIS C 91 -14.18 4.61 -19.58
C HIS C 91 -14.73 3.20 -19.93
N ARG C 92 -15.91 3.12 -20.51
CA ARG C 92 -16.48 1.80 -20.83
C ARG C 92 -15.64 1.01 -21.86
N VAL C 93 -14.85 1.67 -22.69
CA VAL C 93 -14.03 0.81 -23.55
C VAL C 93 -12.54 0.99 -23.43
N THR C 94 -12.04 2.02 -22.74
CA THR C 94 -10.58 2.04 -22.50
C THR C 94 -10.27 0.95 -21.40
N ASP C 95 -8.99 0.70 -21.11
CA ASP C 95 -8.54 -0.40 -20.25
C ASP C 95 -8.18 0.01 -18.84
N SER C 96 -8.04 1.31 -18.59
CA SER C 96 -7.48 1.77 -17.35
C SER C 96 -7.74 3.19 -17.17
N CYS C 97 -7.38 3.68 -16.00
CA CYS C 97 -7.57 5.09 -15.73
C CYS C 97 -6.48 5.62 -14.80
N ILE C 98 -6.05 6.86 -15.06
CA ILE C 98 -5.10 7.54 -14.16
C ILE C 98 -5.62 8.89 -13.59
N VAL C 99 -5.44 9.12 -12.28
CA VAL C 99 -5.78 10.40 -11.69
C VAL C 99 -4.66 10.88 -10.82
N ALA C 100 -4.21 12.13 -11.06
CA ALA C 100 -3.12 12.68 -10.27
C ALA C 100 -3.59 13.96 -9.64
N LEU C 101 -3.35 14.13 -8.35
CA LEU C 101 -3.85 15.29 -7.64
C LEU C 101 -2.70 15.93 -6.92
N LEU C 102 -2.49 17.22 -7.17
CA LEU C 102 -1.33 17.90 -6.65
C LEU C 102 -1.74 19.20 -5.99
N SER C 103 -1.57 19.26 -4.66
CA SER C 103 -2.00 20.41 -3.95
C SER C 103 -1.37 20.39 -2.56
N HIS C 104 -1.74 21.36 -1.71
CA HIS C 104 -1.49 21.27 -0.27
C HIS C 104 -2.50 20.28 0.27
N GLY C 105 -2.12 19.61 1.35
CA GLY C 105 -3.07 18.69 1.96
C GLY C 105 -2.86 18.45 3.46
N VAL C 106 -3.72 17.63 4.02
CA VAL C 106 -3.57 17.08 5.36
C VAL C 106 -3.85 15.59 5.22
N GLU C 107 -3.74 14.87 6.31
CA GLU C 107 -3.99 13.44 6.31
C GLU C 107 -5.40 13.13 5.80
N GLY C 108 -5.46 12.31 4.74
CA GLY C 108 -6.71 11.98 4.07
C GLY C 108 -7.50 13.04 3.31
N ALA C 109 -6.93 14.22 3.11
CA ALA C 109 -7.67 15.26 2.38
C ALA C 109 -6.74 16.11 1.60
N ILE C 110 -7.24 16.70 0.52
CA ILE C 110 -6.48 17.75 -0.09
C ILE C 110 -7.25 19.06 -0.09
N TYR C 111 -6.48 20.15 -0.12
CA TYR C 111 -7.02 21.50 -0.22
C TYR C 111 -7.38 21.89 -1.62
N GLY C 112 -8.57 22.48 -1.77
CA GLY C 112 -8.82 23.34 -2.95
C GLY C 112 -8.23 24.75 -2.82
N VAL C 113 -8.28 25.60 -3.85
CA VAL C 113 -7.69 26.92 -3.75
C VAL C 113 -8.39 27.81 -2.69
N ASP C 114 -9.61 27.46 -2.31
CA ASP C 114 -10.38 28.24 -1.36
C ASP C 114 -10.01 27.88 0.09
N GLY C 115 -9.01 27.03 0.26
CA GLY C 115 -8.58 26.56 1.57
C GLY C 115 -9.58 25.61 2.21
N LYS C 116 -10.54 25.12 1.44
CA LYS C 116 -11.45 24.06 1.92
C LYS C 116 -10.97 22.69 1.49
N LEU C 117 -11.47 21.63 2.15
CA LEU C 117 -10.85 20.31 2.05
C LEU C 117 -11.71 19.25 1.32
N LEU C 118 -11.08 18.46 0.44
CA LEU C 118 -11.78 17.33 -0.19
C LEU C 118 -11.18 16.04 0.34
N GLN C 119 -12.01 15.15 0.85
CA GLN C 119 -11.50 13.93 1.47
C GLN C 119 -11.13 12.95 0.40
N LEU C 120 -9.96 12.33 0.55
CA LEU C 120 -9.52 11.30 -0.39
C LEU C 120 -10.47 10.11 -0.49
N GLN C 121 -11.08 9.69 0.61
CA GLN C 121 -12.05 8.61 0.47
C GLN C 121 -13.18 8.96 -0.47
N GLU C 122 -13.68 10.20 -0.43
CA GLU C 122 -14.76 10.58 -1.32
C GLU C 122 -14.25 10.47 -2.77
N VAL C 123 -13.00 10.81 -3.00
CA VAL C 123 -12.41 10.67 -4.36
C VAL C 123 -12.34 9.21 -4.82
N PHE C 124 -11.75 8.30 -4.02
CA PHE C 124 -11.65 6.90 -4.45
C PHE C 124 -13.05 6.36 -4.67
N GLN C 125 -14.01 6.80 -3.86
CA GLN C 125 -15.35 6.28 -4.03
C GLN C 125 -16.04 6.65 -5.40
N LEU C 126 -15.78 7.84 -5.97
CA LEU C 126 -16.33 8.18 -7.30
C LEU C 126 -15.90 7.12 -8.31
N PHE C 127 -14.76 6.51 -8.09
CA PHE C 127 -14.24 5.58 -9.09
C PHE C 127 -14.49 4.11 -8.69
N ASP C 128 -15.36 3.87 -7.72
CA ASP C 128 -15.46 2.48 -7.21
C ASP C 128 -16.42 1.60 -8.02
N ASN C 129 -16.47 0.32 -7.68
CA ASN C 129 -17.28 -0.58 -8.48
C ASN C 129 -18.77 -0.22 -8.48
N ALA C 130 -19.26 0.41 -7.41
CA ALA C 130 -20.65 0.75 -7.29
C ALA C 130 -20.89 2.02 -8.08
N ASN C 131 -20.00 2.99 -7.94
CA ASN C 131 -20.25 4.28 -8.57
C ASN C 131 -19.74 4.44 -9.99
N CYS C 132 -18.86 3.53 -10.44
CA CYS C 132 -18.20 3.63 -11.77
C CYS C 132 -18.08 2.23 -12.31
N PRO C 133 -19.21 1.70 -12.76
CA PRO C 133 -19.42 0.35 -13.33
C PRO C 133 -18.55 0.13 -14.54
N SER C 134 -18.31 1.18 -15.30
CA SER C 134 -17.51 1.11 -16.52
C SER C 134 -16.10 0.70 -16.23
N LEU C 135 -15.56 1.08 -15.05
CA LEU C 135 -14.19 0.67 -14.78
C LEU C 135 -14.11 -0.60 -13.92
N GLN C 136 -15.21 -1.30 -13.75
CA GLN C 136 -15.13 -2.59 -13.00
C GLN C 136 -14.04 -3.48 -13.53
N ASN C 137 -13.25 -4.08 -12.64
CA ASN C 137 -12.11 -4.94 -13.06
C ASN C 137 -10.97 -4.27 -13.88
N LYS C 138 -10.91 -2.95 -13.94
CA LYS C 138 -9.85 -2.32 -14.69
C LYS C 138 -9.03 -1.60 -13.64
N PRO C 139 -7.71 -1.61 -13.84
CA PRO C 139 -6.71 -0.98 -12.94
C PRO C 139 -6.96 0.52 -12.89
N LYS C 140 -7.14 1.07 -11.68
CA LYS C 140 -7.26 2.54 -11.51
C LYS C 140 -6.10 3.08 -10.68
N MET C 141 -5.29 3.94 -11.27
CA MET C 141 -4.13 4.50 -10.58
C MET C 141 -4.37 5.91 -10.09
N PHE C 142 -3.88 6.19 -8.89
CA PHE C 142 -3.97 7.51 -8.32
C PHE C 142 -2.58 7.88 -7.79
N PHE C 143 -2.18 9.13 -7.99
CA PHE C 143 -0.91 9.65 -7.53
C PHE C 143 -1.22 10.91 -6.78
N ILE C 144 -0.82 11.01 -5.50
CA ILE C 144 -1.24 12.11 -4.66
C ILE C 144 -0.06 12.86 -4.07
N GLN C 145 0.25 14.00 -4.70
CA GLN C 145 1.37 14.83 -4.31
C GLN C 145 0.76 15.90 -3.40
N ALA C 146 0.63 15.59 -2.14
CA ALA C 146 0.05 16.53 -1.23
C ALA C 146 0.70 16.29 0.11
N CYS C 147 0.83 17.35 0.88
CA CYS C 147 1.21 17.25 2.29
C CYS C 147 0.21 16.35 2.97
N ARG C 148 0.66 15.62 4.03
CA ARG C 148 -0.19 14.76 4.86
C ARG C 148 -0.10 15.17 6.32
N GLY C 149 0.27 16.43 6.53
CA GLY C 149 0.44 17.01 7.85
C GLY C 149 1.54 18.02 7.62
N ASP C 150 2.10 18.58 8.69
CA ASP C 150 3.21 19.55 8.52
C ASP C 150 4.43 19.28 9.39
N GLU C 151 4.45 18.07 9.97
CA GLU C 151 5.66 17.59 10.61
C GLU C 151 6.71 17.39 9.50
N THR C 152 7.83 18.10 9.59
CA THR C 152 8.94 17.83 8.74
C THR C 152 9.76 16.67 9.37
N ASP C 153 10.21 15.72 8.54
CA ASP C 153 10.95 14.58 9.10
C ASP C 153 12.44 14.90 9.21
N ARG C 154 13.01 15.00 10.41
CA ARG C 154 14.43 15.31 10.52
C ARG C 154 15.30 14.08 10.15
N GLY C 155 14.68 12.89 10.20
CA GLY C 155 15.36 11.65 9.81
C GLY C 155 16.34 11.17 10.84
N VAL C 156 16.97 10.04 10.58
CA VAL C 156 17.80 9.43 11.58
C VAL C 156 19.08 8.90 11.05
N ASP C 157 20.09 9.02 11.89
CA ASP C 157 21.45 8.55 11.60
C ASP C 157 21.42 7.02 11.50
N GLN C 158 22.15 6.46 10.55
CA GLN C 158 22.18 5.03 10.39
C GLN C 158 23.21 4.45 11.36
N GLN C 159 22.77 3.45 12.15
CA GLN C 159 23.52 2.91 13.29
C GLN C 159 24.87 2.27 12.99
N ARG D 9 -20.06 -11.48 -8.61
CA ARG D 9 -20.17 -10.18 -7.91
C ARG D 9 -18.87 -9.60 -7.36
N LEU D 10 -18.91 -8.28 -7.10
CA LEU D 10 -17.72 -7.51 -6.72
C LEU D 10 -17.84 -6.91 -5.32
N PRO D 11 -16.71 -6.82 -4.60
CA PRO D 11 -16.67 -5.90 -3.44
C PRO D 11 -16.99 -4.49 -3.92
N THR D 12 -17.49 -3.67 -3.02
CA THR D 12 -17.71 -2.28 -3.34
C THR D 12 -16.51 -1.53 -3.98
N ARG D 13 -15.29 -1.89 -3.58
CA ARG D 13 -14.09 -1.19 -4.06
C ARG D 13 -12.92 -2.15 -4.33
N SER D 14 -12.32 -2.11 -5.53
CA SER D 14 -11.14 -2.96 -5.81
C SER D 14 -10.40 -2.45 -7.05
N ASP D 15 -9.24 -3.06 -7.28
CA ASP D 15 -8.40 -2.76 -8.46
C ASP D 15 -7.89 -1.34 -8.52
N MET D 16 -7.51 -0.79 -7.36
CA MET D 16 -6.89 0.55 -7.31
C MET D 16 -5.49 0.45 -6.70
N ILE D 17 -4.61 1.34 -7.15
CA ILE D 17 -3.30 1.52 -6.58
C ILE D 17 -3.17 3.02 -6.38
N CYS D 18 -2.74 3.41 -5.19
CA CYS D 18 -2.61 4.78 -4.82
CA CYS D 18 -2.59 4.80 -4.83
C CYS D 18 -1.19 5.07 -4.35
N GLY D 19 -0.47 5.98 -5.04
CA GLY D 19 0.85 6.37 -4.60
C GLY D 19 0.75 7.70 -3.83
N TYR D 20 1.51 7.85 -2.75
CA TYR D 20 1.49 9.07 -1.92
C TYR D 20 2.90 9.58 -1.82
N ALA D 21 3.09 10.86 -2.06
CA ALA D 21 4.43 11.45 -2.01
C ALA D 21 5.05 11.37 -0.62
N CYS D 22 4.24 11.32 0.43
CA CYS D 22 4.88 11.33 1.77
C CYS D 22 4.07 10.49 2.74
N LEU D 23 4.62 10.25 3.92
CA LEU D 23 3.91 9.41 4.90
C LEU D 23 3.01 10.21 5.81
N LYS D 24 1.98 9.53 6.28
CA LYS D 24 1.05 10.11 7.26
C LYS D 24 1.79 10.99 8.30
N GLY D 25 1.32 12.24 8.41
CA GLY D 25 1.75 13.19 9.43
C GLY D 25 2.83 14.14 8.94
N THR D 26 3.37 13.85 7.74
CA THR D 26 4.55 14.52 7.22
C THR D 26 4.24 15.41 6.01
N ALA D 27 5.25 16.20 5.63
CA ALA D 27 5.16 17.19 4.57
C ALA D 27 6.05 16.77 3.38
N ALA D 28 5.85 17.36 2.18
CA ALA D 28 6.62 16.95 0.99
C ALA D 28 7.68 17.97 0.54
N MET D 29 8.75 17.47 -0.10
CA MET D 29 9.94 18.29 -0.45
C MET D 29 9.89 18.68 -1.94
N ARG D 30 10.00 20.00 -2.19
CA ARG D 30 9.84 20.65 -3.50
C ARG D 30 10.82 21.84 -3.65
N ASN D 31 11.66 21.83 -4.69
CA ASN D 31 12.48 23.03 -5.15
C ASN D 31 11.83 23.80 -6.36
N THR D 32 11.87 25.13 -6.29
CA THR D 32 11.27 25.95 -7.37
C THR D 32 11.62 25.50 -8.81
N LYS D 33 12.88 25.15 -9.07
CA LYS D 33 13.25 24.76 -10.44
C LYS D 33 13.11 23.27 -10.70
N ARG D 34 13.27 22.47 -9.66
CA ARG D 34 13.12 21.03 -9.87
C ARG D 34 11.71 20.46 -9.55
N GLY D 35 10.83 21.22 -8.88
CA GLY D 35 9.55 20.62 -8.45
C GLY D 35 9.75 19.52 -7.35
N SER D 36 8.78 18.59 -7.17
CA SER D 36 8.82 17.56 -6.11
C SER D 36 9.79 16.42 -6.36
N TRP D 37 10.37 15.95 -5.26
CA TRP D 37 11.14 14.74 -5.29
C TRP D 37 10.29 13.65 -5.86
N TYR D 38 9.02 13.60 -5.48
CA TYR D 38 8.23 12.41 -5.79
C TYR D 38 7.83 12.30 -7.28
N ILE D 39 7.29 13.39 -7.82
CA ILE D 39 7.02 13.46 -9.26
C ILE D 39 8.30 13.29 -10.07
N GLU D 40 9.36 13.92 -9.64
CA GLU D 40 10.62 13.69 -10.35
C GLU D 40 11.00 12.17 -10.38
N ALA D 41 11.05 11.49 -9.21
CA ALA D 41 11.38 10.07 -9.16
C ALA D 41 10.42 9.26 -10.00
N LEU D 42 9.16 9.64 -9.99
CA LEU D 42 8.13 8.89 -10.69
C LEU D 42 8.43 8.99 -12.21
N ALA D 43 8.72 10.22 -12.67
CA ALA D 43 9.12 10.37 -14.11
C ALA D 43 10.34 9.57 -14.49
N GLN D 44 11.42 9.61 -13.68
CA GLN D 44 12.63 8.86 -14.03
C GLN D 44 12.31 7.39 -14.12
N VAL D 45 11.68 6.86 -13.06
CA VAL D 45 11.43 5.45 -13.03
C VAL D 45 10.47 5.00 -14.12
N PHE D 46 9.33 5.66 -14.25
CA PHE D 46 8.38 5.10 -15.18
C PHE D 46 8.93 5.19 -16.63
N SER D 47 9.59 6.28 -16.97
CA SER D 47 10.03 6.43 -18.36
C SER D 47 11.09 5.38 -18.67
N GLU D 48 12.01 5.12 -17.73
CA GLU D 48 12.95 4.02 -17.94
C GLU D 48 12.40 2.61 -17.85
N ARG D 49 11.46 2.36 -16.94
CA ARG D 49 11.18 0.95 -16.59
C ARG D 49 9.78 0.51 -16.90
N ALA D 50 8.91 1.40 -17.35
CA ALA D 50 7.60 0.90 -17.67
C ALA D 50 7.65 -0.24 -18.72
N CYS D 51 8.71 -0.28 -19.54
CA CYS D 51 8.88 -1.32 -20.56
C CYS D 51 9.01 -2.74 -20.00
N ASP D 52 9.60 -2.89 -18.83
CA ASP D 52 9.85 -4.21 -18.27
C ASP D 52 9.46 -4.45 -16.77
N MET D 53 8.78 -3.50 -16.16
CA MET D 53 8.36 -3.61 -14.73
C MET D 53 6.92 -3.20 -14.57
N HIS D 54 6.20 -3.89 -13.68
CA HIS D 54 4.83 -3.52 -13.40
C HIS D 54 4.73 -2.36 -12.40
N VAL D 55 3.55 -1.76 -12.27
CA VAL D 55 3.46 -0.45 -11.62
C VAL D 55 3.78 -0.52 -10.09
N ALA D 56 3.29 -1.57 -9.40
CA ALA D 56 3.60 -1.70 -7.99
C ALA D 56 5.15 -1.74 -7.84
N ASP D 57 5.82 -2.50 -8.71
CA ASP D 57 7.26 -2.64 -8.59
C ASP D 57 7.97 -1.34 -8.97
N MET D 58 7.39 -0.54 -9.84
CA MET D 58 8.07 0.73 -10.20
C MET D 58 7.94 1.69 -9.03
N LEU D 59 6.82 1.56 -8.31
CA LEU D 59 6.61 2.43 -7.17
C LEU D 59 7.51 1.95 -6.01
N VAL D 60 7.90 0.67 -5.99
CA VAL D 60 8.99 0.39 -5.05
C VAL D 60 10.35 1.04 -5.42
N LYS D 61 10.68 1.13 -6.71
CA LYS D 61 11.90 1.88 -7.15
C LYS D 61 11.82 3.37 -6.81
N VAL D 62 10.65 3.94 -6.96
CA VAL D 62 10.44 5.29 -6.47
C VAL D 62 10.75 5.40 -4.99
N ASN D 63 10.22 4.45 -4.23
CA ASN D 63 10.40 4.48 -2.76
C ASN D 63 11.91 4.50 -2.47
N ALA D 64 12.66 3.61 -3.16
CA ALA D 64 14.12 3.61 -2.96
C ALA D 64 14.85 4.95 -3.29
N LEU D 65 14.44 5.63 -4.33
CA LEU D 65 15.05 6.96 -4.64
C LEU D 65 14.68 7.97 -3.57
N ILE D 66 13.40 7.98 -3.18
CA ILE D 66 12.92 8.94 -2.20
C ILE D 66 13.64 8.80 -0.88
N LYS D 67 13.89 7.54 -0.54
CA LYS D 67 14.56 7.26 0.72
C LYS D 67 15.97 7.78 0.81
N ASP D 68 16.68 7.69 -0.30
CA ASP D 68 18.06 8.14 -0.36
C ASP D 68 18.27 9.65 -0.42
N ARG D 69 17.18 10.37 -0.62
CA ARG D 69 17.24 11.76 -1.04
C ARG D 69 17.20 12.63 0.28
N GLU D 70 17.62 13.89 0.19
CA GLU D 70 17.78 14.66 1.40
C GLU D 70 17.74 16.16 1.14
N GLY D 71 17.05 16.88 2.01
CA GLY D 71 16.93 18.32 1.92
C GLY D 71 18.22 19.09 2.15
N TYR D 72 18.28 20.24 1.51
CA TYR D 72 19.45 21.12 1.55
C TYR D 72 19.01 22.56 1.71
N ALA D 73 19.12 23.07 2.92
CA ALA D 73 18.89 24.48 3.17
C ALA D 73 19.50 24.85 4.51
N PRO D 74 20.83 25.13 4.52
CA PRO D 74 21.63 25.27 5.75
C PRO D 74 21.08 26.33 6.68
N GLY D 75 21.05 26.04 7.99
CA GLY D 75 20.53 26.98 8.97
C GLY D 75 19.02 27.07 9.00
N THR D 76 18.32 26.20 8.32
CA THR D 76 16.88 26.25 8.46
C THR D 76 16.40 24.89 8.92
N GLU D 77 15.09 24.75 8.99
CA GLU D 77 14.59 23.66 9.79
C GLU D 77 14.44 22.45 8.88
N PHE D 78 14.57 22.74 7.59
CA PHE D 78 14.34 21.77 6.55
C PHE D 78 15.66 21.15 6.12
N HIS D 79 16.73 21.59 6.75
CA HIS D 79 18.03 21.12 6.33
C HIS D 79 18.35 19.63 6.65
N ARG D 80 18.81 18.87 5.66
CA ARG D 80 19.06 17.44 5.83
C ARG D 80 17.78 16.67 6.13
N CYS D 81 16.65 17.25 5.79
CA CYS D 81 15.35 16.64 6.06
C CYS D 81 15.10 15.46 5.11
N LYS D 82 14.18 14.61 5.54
CA LYS D 82 13.93 13.34 4.91
C LYS D 82 12.47 13.23 4.54
N GLU D 83 12.14 12.35 3.60
CA GLU D 83 10.75 12.09 3.23
C GLU D 83 10.64 10.61 2.86
N MET D 84 9.47 10.04 2.94
CA MET D 84 9.30 8.64 2.52
C MET D 84 7.99 8.62 1.82
N SER D 85 8.00 8.12 0.59
CA SER D 85 6.78 7.85 -0.13
C SER D 85 6.26 6.44 0.26
N GLU D 86 5.04 6.14 -0.13
CA GLU D 86 4.53 4.80 -0.02
C GLU D 86 3.47 4.62 -1.06
N TYR D 87 3.05 3.39 -1.28
CA TYR D 87 1.79 3.19 -1.96
C TYR D 87 0.89 2.17 -1.27
N CYS D 88 -0.38 2.21 -1.67
CA CYS D 88 -1.40 1.29 -1.17
CA CYS D 88 -1.33 1.25 -1.19
C CYS D 88 -2.10 0.62 -2.38
N SER D 89 -2.36 -0.67 -2.30
CA SER D 89 -2.90 -1.37 -3.43
C SER D 89 -3.99 -2.37 -3.13
N THR D 90 -5.02 -2.33 -3.98
CA THR D 90 -6.00 -3.36 -4.10
C THR D 90 -5.96 -4.01 -5.47
N LEU D 91 -4.81 -3.95 -6.11
CA LEU D 91 -4.71 -4.61 -7.41
C LEU D 91 -4.87 -6.11 -7.21
N CYS D 92 -5.32 -6.78 -8.26
CA CYS D 92 -5.49 -8.23 -8.29
C CYS D 92 -4.66 -8.95 -9.33
N ARG D 93 -3.88 -8.19 -10.10
CA ARG D 93 -3.00 -8.77 -11.11
C ARG D 93 -1.81 -7.81 -11.28
N HIS D 94 -0.77 -8.24 -11.99
CA HIS D 94 0.30 -7.32 -12.33
C HIS D 94 -0.27 -6.22 -13.26
N LEU D 95 0.13 -5.00 -13.02
CA LEU D 95 -0.29 -3.88 -13.85
C LEU D 95 0.94 -3.47 -14.67
N TYR D 96 1.03 -4.00 -15.89
CA TYR D 96 2.10 -3.58 -16.87
C TYR D 96 1.53 -2.54 -17.83
N LEU D 97 2.27 -1.48 -18.11
CA LEU D 97 1.77 -0.44 -19.00
C LEU D 97 2.02 -0.74 -20.54
N PHE D 98 2.92 -1.66 -20.86
CA PHE D 98 3.13 -2.09 -22.25
C PHE D 98 3.29 -0.86 -23.18
N PRO D 99 4.19 0.04 -22.82
CA PRO D 99 4.45 1.28 -23.58
C PRO D 99 4.91 0.98 -25.03
N GLY D 100 4.31 1.68 -26.01
CA GLY D 100 4.73 1.60 -27.42
C GLY D 100 4.65 0.17 -27.93
N HIS D 101 3.64 -0.56 -27.48
CA HIS D 101 3.33 -1.87 -28.01
C HIS D 101 1.84 -2.01 -28.25
N PRO D 102 1.46 -2.38 -29.51
CA PRO D 102 2.40 -2.80 -30.56
C PRO D 102 3.22 -1.63 -31.14
N PRO D 103 4.35 -1.96 -31.85
CA PRO D 103 5.34 -1.12 -32.61
C PRO D 103 4.84 -0.37 -33.85
#